data_5XUH
#
_entry.id   5XUH
#
_cell.length_a   97.800
_cell.length_b   97.800
_cell.length_c   95.380
_cell.angle_alpha   90.00
_cell.angle_beta   90.00
_cell.angle_gamma   90.00
#
_symmetry.space_group_name_H-M   'P 43 21 2'
#
loop_
_entity.id
_entity.type
_entity.pdbx_description
1 polymer 'Holo-[acyl-carrier-protein] synthase'
2 non-polymer 'CHLORIDE ION'
3 non-polymer GLYCEROL
4 non-polymer 'COENZYME A'
5 water water
#
_entity_poly.entity_id   1
_entity_poly.type   'polypeptide(L)'
_entity_poly.pdbx_seq_one_letter_code
;MAILGLGTAIVEIARIEAVIARSGDRLARRVLSDNEWAIWKTHHQPVRFLAKRFAVKEAAAKAFGTGIRNGLAFNQFEVF
NDELGKPRLRLWGEALKLAEKLGVANMHVTLADERHYACATVIIES
;
_entity_poly.pdbx_strand_id   A,B,C
#
# COMPACT_ATOMS: atom_id res chain seq x y z
N ALA A 2 4.96 -13.93 -13.40
CA ALA A 2 3.68 -14.01 -12.64
C ALA A 2 3.88 -13.58 -11.20
N ILE A 3 2.92 -12.84 -10.66
CA ILE A 3 2.96 -12.43 -9.26
C ILE A 3 2.63 -13.64 -8.39
N LEU A 4 3.52 -13.93 -7.44
CA LEU A 4 3.36 -15.09 -6.57
C LEU A 4 2.78 -14.70 -5.22
N GLY A 5 2.78 -13.41 -4.92
CA GLY A 5 2.26 -12.92 -3.66
C GLY A 5 2.40 -11.41 -3.50
N LEU A 6 1.61 -10.88 -2.58
CA LEU A 6 1.54 -9.43 -2.34
C LEU A 6 1.34 -9.22 -0.85
N GLY A 7 2.08 -8.28 -0.28
CA GLY A 7 1.95 -7.95 1.14
C GLY A 7 2.11 -6.48 1.41
N THR A 8 1.34 -5.97 2.38
CA THR A 8 1.49 -4.60 2.84
C THR A 8 1.41 -4.53 4.37
N ALA A 9 1.98 -3.49 4.95
CA ALA A 9 1.95 -3.30 6.38
C ALA A 9 2.02 -1.82 6.73
N ILE A 10 1.39 -1.46 7.84
CA ILE A 10 1.46 -0.11 8.37
C ILE A 10 1.84 -0.21 9.85
N VAL A 11 2.74 0.67 10.29
CA VAL A 11 3.27 0.62 11.65
C VAL A 11 3.16 2.02 12.27
N GLU A 12 2.46 2.11 13.39
CA GLU A 12 2.45 3.35 14.16
C GLU A 12 3.72 3.41 14.99
N ILE A 13 4.57 4.38 14.68
CA ILE A 13 5.90 4.49 15.29
C ILE A 13 5.83 4.64 16.83
N ALA A 14 4.81 5.34 17.31
CA ALA A 14 4.58 5.51 18.75
C ALA A 14 4.36 4.19 19.48
N ARG A 15 3.72 3.23 18.80
CA ARG A 15 3.51 1.90 19.39
C ARG A 15 4.83 1.19 19.63
N ILE A 16 5.74 1.30 18.65
CA ILE A 16 7.07 0.69 18.76
C ILE A 16 7.84 1.38 19.88
N GLU A 17 7.76 2.71 19.91
CA GLU A 17 8.35 3.52 20.98
C GLU A 17 7.90 3.01 22.36
N ALA A 18 6.60 2.78 22.51
CA ALA A 18 6.02 2.32 23.78
C ALA A 18 6.49 0.92 24.19
N VAL A 19 6.60 0.01 23.22
CA VAL A 19 7.09 -1.35 23.52
C VAL A 19 8.55 -1.31 23.99
N ILE A 20 9.37 -0.50 23.33
CA ILE A 20 10.77 -0.31 23.71
C ILE A 20 10.90 0.27 25.11
N ALA A 21 10.05 1.25 25.43
CA ALA A 21 10.03 1.87 26.76
C ALA A 21 9.76 0.86 27.88
N ARG A 22 8.92 -0.13 27.61
CA ARG A 22 8.58 -1.12 28.63
C ARG A 22 9.46 -2.39 28.64
N SER A 23 10.02 -2.76 27.49
CA SER A 23 10.80 -3.99 27.40
C SER A 23 12.17 -3.89 26.69
N GLY A 24 12.60 -2.66 26.43
CA GLY A 24 13.94 -2.38 25.89
C GLY A 24 14.28 -3.05 24.56
N ASP A 25 15.32 -3.86 24.59
CA ASP A 25 15.88 -4.52 23.41
C ASP A 25 15.13 -5.77 22.94
N ARG A 26 14.20 -6.26 23.75
CA ARG A 26 13.57 -7.56 23.51
C ARG A 26 12.85 -7.67 22.16
N LEU A 27 12.11 -6.62 21.80
CA LEU A 27 11.40 -6.60 20.52
C LEU A 27 12.38 -6.71 19.36
N ALA A 28 13.38 -5.83 19.36
CA ALA A 28 14.39 -5.77 18.32
C ALA A 28 15.18 -7.07 18.18
N ARG A 29 15.62 -7.65 19.31
CA ARG A 29 16.43 -8.87 19.25
C ARG A 29 15.67 -10.03 18.59
N ARG A 30 14.37 -10.11 18.83
CA ARG A 30 13.55 -11.17 18.24
C ARG A 30 13.42 -11.07 16.72
N VAL A 31 13.15 -9.88 16.20
CA VAL A 31 12.79 -9.74 14.78
C VAL A 31 13.92 -9.37 13.82
N LEU A 32 15.03 -8.88 14.36
CA LEU A 32 16.15 -8.43 13.51
C LEU A 32 17.19 -9.51 13.29
N SER A 33 17.65 -9.63 12.03
CA SER A 33 18.80 -10.46 11.70
C SER A 33 20.05 -9.92 12.39
N ASP A 34 21.16 -10.65 12.33
CA ASP A 34 22.40 -10.20 12.97
C ASP A 34 22.90 -8.88 12.39
N ASN A 35 22.82 -8.75 11.06
CA ASN A 35 23.19 -7.51 10.38
C ASN A 35 22.31 -6.32 10.80
N GLU A 36 21.00 -6.54 10.87
CA GLU A 36 20.06 -5.49 11.28
C GLU A 36 20.25 -5.10 12.75
N TRP A 37 20.56 -6.09 13.59
CA TRP A 37 20.82 -5.85 15.00
C TRP A 37 21.98 -4.90 15.21
N ALA A 38 23.05 -5.11 14.45
CA ALA A 38 24.24 -4.24 14.53
C ALA A 38 23.90 -2.81 14.15
N ILE A 39 23.09 -2.63 13.11
CA ILE A 39 22.63 -1.32 12.67
C ILE A 39 21.75 -0.68 13.75
N TRP A 40 20.80 -1.44 14.27
CA TRP A 40 19.90 -0.98 15.33
C TRP A 40 20.64 -0.43 16.52
N LYS A 41 21.69 -1.14 16.94
CA LYS A 41 22.46 -0.77 18.13
C LYS A 41 23.15 0.60 18.05
N THR A 42 23.43 1.09 16.85
CA THR A 42 24.11 2.37 16.68
C THR A 42 23.37 3.40 15.80
N HIS A 43 22.19 3.04 15.30
CA HIS A 43 21.42 3.89 14.40
C HIS A 43 21.09 5.23 15.03
N HIS A 44 21.15 6.30 14.23
CA HIS A 44 20.83 7.64 14.74
C HIS A 44 19.37 7.82 15.09
N GLN A 45 18.49 7.06 14.44
CA GLN A 45 17.06 7.03 14.77
C GLN A 45 16.57 5.58 14.89
N PRO A 46 16.90 4.92 16.02
CA PRO A 46 16.70 3.46 16.15
C PRO A 46 15.24 3.01 16.19
N VAL A 47 14.36 3.81 16.80
CA VAL A 47 12.93 3.49 16.86
C VAL A 47 12.33 3.55 15.46
N ARG A 48 12.68 4.60 14.72
CA ARG A 48 12.22 4.76 13.33
CA ARG A 48 12.21 4.76 13.34
C ARG A 48 12.74 3.61 12.47
N PHE A 49 14.01 3.25 12.68
CA PHE A 49 14.61 2.12 11.98
C PHE A 49 13.85 0.83 12.25
N LEU A 50 13.53 0.57 13.51
CA LEU A 50 12.84 -0.67 13.89
C LEU A 50 11.42 -0.72 13.32
N ALA A 51 10.72 0.42 13.35
CA ALA A 51 9.36 0.53 12.82
C ALA A 51 9.32 0.23 11.34
N LYS A 52 10.26 0.80 10.59
CA LYS A 52 10.40 0.56 9.16
C LYS A 52 10.75 -0.90 8.86
N ARG A 53 11.61 -1.50 9.69
CA ARG A 53 11.94 -2.93 9.56
C ARG A 53 10.73 -3.82 9.84
N PHE A 54 9.95 -3.48 10.87
CA PHE A 54 8.70 -4.20 11.12
C PHE A 54 7.76 -4.15 9.93
N ALA A 55 7.59 -2.97 9.36
CA ALA A 55 6.75 -2.79 8.18
C ALA A 55 7.14 -3.72 7.03
N VAL A 56 8.42 -3.74 6.67
CA VAL A 56 8.90 -4.58 5.56
C VAL A 56 8.71 -6.07 5.87
N LYS A 57 9.07 -6.46 7.08
CA LYS A 57 9.01 -7.86 7.51
C LYS A 57 7.59 -8.42 7.53
N GLU A 58 6.66 -7.62 8.05
CA GLU A 58 5.23 -7.98 8.04
C GLU A 58 4.68 -8.06 6.62
N ALA A 59 5.05 -7.10 5.77
CA ALA A 59 4.64 -7.11 4.37
C ALA A 59 5.21 -8.35 3.66
N ALA A 60 6.46 -8.69 3.95
CA ALA A 60 7.12 -9.86 3.36
C ALA A 60 6.44 -11.17 3.76
N ALA A 61 6.15 -11.34 5.05
CA ALA A 61 5.46 -12.53 5.56
C ALA A 61 4.08 -12.73 4.92
N LYS A 62 3.40 -11.61 4.65
CA LYS A 62 2.12 -11.61 3.94
C LYS A 62 2.27 -11.93 2.45
N ALA A 63 3.32 -11.39 1.83
CA ALA A 63 3.61 -11.66 0.42
C ALA A 63 3.90 -13.14 0.17
N PHE A 64 4.52 -13.81 1.14
CA PHE A 64 4.76 -15.25 1.04
C PHE A 64 3.48 -16.06 1.23
N GLY A 65 2.43 -15.41 1.73
CA GLY A 65 1.09 -16.02 1.84
C GLY A 65 0.90 -16.90 3.06
N THR A 66 1.88 -16.90 3.96
CA THR A 66 1.92 -17.81 5.09
C THR A 66 1.79 -17.11 6.44
N GLY A 67 2.28 -15.87 6.51
CA GLY A 67 2.52 -15.22 7.79
C GLY A 67 3.66 -15.93 8.50
N ILE A 68 3.71 -15.81 9.83
CA ILE A 68 4.75 -16.46 10.62
C ILE A 68 4.28 -17.84 11.11
N ARG A 69 4.71 -18.87 10.40
CA ARG A 69 4.33 -20.25 10.70
C ARG A 69 5.36 -21.17 10.05
N ASN A 70 5.33 -22.45 10.43
CA ASN A 70 6.19 -23.48 9.82
C ASN A 70 7.68 -23.12 9.76
N GLY A 71 8.20 -22.60 10.87
CA GLY A 71 9.62 -22.31 10.99
C GLY A 71 10.07 -20.98 10.42
N LEU A 72 9.16 -20.27 9.77
CA LEU A 72 9.45 -18.92 9.30
C LEU A 72 9.54 -17.98 10.50
N ALA A 73 10.34 -16.93 10.36
CA ALA A 73 10.55 -15.95 11.41
C ALA A 73 10.84 -14.60 10.77
N PHE A 74 10.48 -13.52 11.45
CA PHE A 74 10.76 -12.18 10.95
C PHE A 74 12.26 -11.92 10.74
N ASN A 75 13.10 -12.57 11.55
CA ASN A 75 14.55 -12.39 11.45
C ASN A 75 15.18 -13.03 10.20
N GLN A 76 14.36 -13.73 9.43
CA GLN A 76 14.77 -14.38 8.19
C GLN A 76 14.52 -13.49 6.98
N PHE A 77 13.77 -12.41 7.18
CA PHE A 77 13.49 -11.44 6.14
C PHE A 77 14.36 -10.22 6.38
N GLU A 78 15.62 -10.31 5.97
CA GLU A 78 16.58 -9.22 6.20
C GLU A 78 16.45 -8.15 5.13
N VAL A 79 16.29 -6.92 5.59
CA VAL A 79 16.23 -5.76 4.71
C VAL A 79 17.63 -5.15 4.59
N PHE A 80 18.06 -4.90 3.36
CA PHE A 80 19.32 -4.21 3.11
C PHE A 80 19.16 -3.22 1.96
N ASN A 81 20.07 -2.26 1.90
CA ASN A 81 20.06 -1.28 0.82
C ASN A 81 21.24 -1.52 -0.11
N ASP A 82 20.97 -1.57 -1.41
CA ASP A 82 22.00 -1.85 -2.41
C ASP A 82 22.92 -0.64 -2.66
N GLU A 83 23.96 -0.84 -3.45
CA GLU A 83 24.92 0.21 -3.81
C GLU A 83 24.27 1.51 -4.30
N LEU A 84 23.08 1.38 -4.87
CA LEU A 84 22.29 2.53 -5.33
C LEU A 84 21.56 3.21 -4.17
N GLY A 85 21.00 2.40 -3.27
CA GLY A 85 20.30 2.90 -2.09
C GLY A 85 18.88 2.37 -1.92
N LYS A 86 18.42 1.59 -2.89
CA LYS A 86 17.08 1.01 -2.90
C LYS A 86 16.97 -0.16 -1.90
N PRO A 87 15.87 -0.22 -1.12
CA PRO A 87 15.63 -1.34 -0.21
C PRO A 87 15.50 -2.68 -0.92
N ARG A 88 16.04 -3.73 -0.30
CA ARG A 88 16.04 -5.08 -0.87
C ARG A 88 15.87 -6.12 0.22
N LEU A 89 15.32 -7.28 -0.15
CA LEU A 89 15.20 -8.39 0.77
C LEU A 89 16.31 -9.41 0.55
N ARG A 90 16.90 -9.84 1.66
CA ARG A 90 17.83 -10.97 1.70
C ARG A 90 17.20 -12.00 2.64
N LEU A 91 17.04 -13.24 2.15
CA LEU A 91 16.35 -14.27 2.93
C LEU A 91 17.30 -15.25 3.62
N TRP A 92 16.89 -15.74 4.79
CA TRP A 92 17.67 -16.71 5.58
C TRP A 92 16.82 -17.89 5.96
N GLY A 93 17.47 -18.97 6.35
CA GLY A 93 16.79 -20.16 6.89
C GLY A 93 15.57 -20.62 6.09
N GLU A 94 14.45 -20.82 6.79
CA GLU A 94 13.22 -21.34 6.18
C GLU A 94 12.67 -20.44 5.08
N ALA A 95 12.74 -19.12 5.26
CA ALA A 95 12.27 -18.17 4.26
C ALA A 95 13.00 -18.37 2.93
N LEU A 96 14.32 -18.48 3.00
CA LEU A 96 15.14 -18.74 1.82
C LEU A 96 14.73 -20.04 1.13
N LYS A 97 14.56 -21.10 1.91
CA LYS A 97 14.14 -22.40 1.38
C LYS A 97 12.75 -22.36 0.73
N LEU A 98 11.81 -21.68 1.38
CA LEU A 98 10.43 -21.57 0.88
C LEU A 98 10.36 -20.79 -0.43
N ALA A 99 11.10 -19.68 -0.51
CA ALA A 99 11.20 -18.90 -1.75
C ALA A 99 11.60 -19.78 -2.93
N GLU A 100 12.64 -20.59 -2.75
CA GLU A 100 13.10 -21.52 -3.78
C GLU A 100 12.00 -22.51 -4.19
N LYS A 101 11.33 -23.09 -3.20
CA LYS A 101 10.24 -24.03 -3.45
C LYS A 101 9.05 -23.40 -4.16
N LEU A 102 8.79 -22.12 -3.88
CA LEU A 102 7.71 -21.37 -4.53
C LEU A 102 8.07 -20.92 -5.94
N GLY A 103 9.37 -20.90 -6.25
CA GLY A 103 9.85 -20.43 -7.55
C GLY A 103 9.96 -18.92 -7.63
N VAL A 104 10.28 -18.28 -6.51
CA VAL A 104 10.47 -16.83 -6.47
C VAL A 104 11.78 -16.47 -7.16
N ALA A 105 11.70 -15.67 -8.21
CA ALA A 105 12.90 -15.20 -8.92
C ALA A 105 13.17 -13.72 -8.66
N ASN A 106 12.13 -12.98 -8.33
CA ASN A 106 12.24 -11.55 -8.07
C ASN A 106 11.43 -11.12 -6.87
N MET A 107 12.04 -10.28 -6.04
CA MET A 107 11.35 -9.73 -4.87
C MET A 107 11.44 -8.22 -4.93
N HIS A 108 10.28 -7.58 -4.83
CA HIS A 108 10.19 -6.13 -4.94
C HIS A 108 9.76 -5.58 -3.62
N VAL A 109 10.54 -4.64 -3.12
CA VAL A 109 10.31 -4.07 -1.79
C VAL A 109 10.26 -2.55 -1.91
N THR A 110 9.27 -1.95 -1.26
CA THR A 110 9.28 -0.51 -1.08
C THR A 110 8.85 -0.15 0.34
N LEU A 111 9.42 0.93 0.85
CA LEU A 111 8.99 1.43 2.15
C LEU A 111 8.90 2.95 2.15
N ALA A 112 8.04 3.47 3.01
CA ALA A 112 7.83 4.90 3.15
C ALA A 112 7.58 5.21 4.62
N ASP A 113 7.86 6.43 5.02
CA ASP A 113 7.58 6.86 6.38
C ASP A 113 7.20 8.33 6.45
N GLU A 114 6.34 8.63 7.41
CA GLU A 114 6.10 10.00 7.83
C GLU A 114 6.46 10.09 9.30
N ARG A 115 6.20 11.24 9.92
CA ARG A 115 6.50 11.45 11.34
C ARG A 115 5.94 10.35 12.23
N HIS A 116 4.69 9.93 11.99
CA HIS A 116 3.97 9.03 12.89
C HIS A 116 3.81 7.61 12.40
N TYR A 117 3.99 7.39 11.10
CA TYR A 117 3.72 6.08 10.49
C TYR A 117 4.78 5.64 9.50
N ALA A 118 5.08 4.35 9.52
CA ALA A 118 5.86 3.72 8.47
C ALA A 118 4.99 2.71 7.74
N CYS A 119 5.23 2.57 6.44
CA CYS A 119 4.53 1.58 5.66
CA CYS A 119 4.49 1.65 5.58
C CYS A 119 5.46 0.92 4.64
N ALA A 120 5.06 -0.28 4.20
CA ALA A 120 5.85 -1.03 3.24
C ALA A 120 4.96 -1.95 2.43
N THR A 121 5.39 -2.21 1.19
CA THR A 121 4.70 -3.15 0.32
C THR A 121 5.76 -4.07 -0.28
N VAL A 122 5.43 -5.36 -0.37
CA VAL A 122 6.32 -6.37 -0.95
C VAL A 122 5.56 -7.18 -1.99
N ILE A 123 6.20 -7.37 -3.15
CA ILE A 123 5.67 -8.25 -4.18
C ILE A 123 6.74 -9.30 -4.51
N ILE A 124 6.33 -10.56 -4.52
CA ILE A 124 7.21 -11.64 -4.97
C ILE A 124 6.74 -12.15 -6.32
N GLU A 125 7.69 -12.56 -7.16
CA GLU A 125 7.42 -12.78 -8.58
C GLU A 125 8.25 -13.95 -9.09
N SER A 126 7.70 -14.64 -10.09
CA SER A 126 8.42 -15.72 -10.77
C SER A 126 9.43 -15.16 -11.77
N ALA B 2 7.06 -8.46 -16.84
CA ALA B 2 7.86 -8.46 -15.61
C ALA B 2 7.79 -7.10 -14.90
N ILE B 3 7.77 -7.14 -13.57
CA ILE B 3 7.79 -5.92 -12.76
C ILE B 3 9.21 -5.33 -12.80
N LEU B 4 9.29 -4.07 -13.19
CA LEU B 4 10.57 -3.36 -13.29
C LEU B 4 10.84 -2.49 -12.08
N GLY B 5 9.80 -2.22 -11.29
CA GLY B 5 9.93 -1.35 -10.14
C GLY B 5 8.65 -1.19 -9.35
N LEU B 6 8.81 -0.90 -8.07
CA LEU B 6 7.68 -0.73 -7.16
C LEU B 6 7.99 0.39 -6.17
N GLY B 7 7.00 1.26 -5.95
CA GLY B 7 7.17 2.36 -5.01
C GLY B 7 5.90 2.68 -4.26
N THR B 8 6.07 3.09 -3.00
CA THR B 8 4.93 3.51 -2.18
C THR B 8 5.29 4.81 -1.46
N ALA B 9 4.26 5.54 -1.06
CA ALA B 9 4.45 6.80 -0.35
C ALA B 9 3.30 7.03 0.60
N ILE B 10 3.60 7.68 1.73
CA ILE B 10 2.59 8.17 2.64
C ILE B 10 2.92 9.64 2.94
N VAL B 11 1.91 10.50 2.89
CA VAL B 11 2.13 11.93 3.07
C VAL B 11 1.17 12.46 4.12
N GLU B 12 1.73 13.06 5.17
CA GLU B 12 0.91 13.72 6.18
C GLU B 12 0.48 15.07 5.63
N ILE B 13 -0.82 15.20 5.41
CA ILE B 13 -1.38 16.40 4.78
C ILE B 13 -1.02 17.67 5.57
N ALA B 14 -1.02 17.56 6.89
CA ALA B 14 -0.61 18.66 7.78
C ALA B 14 0.82 19.14 7.52
N ARG B 15 1.72 18.22 7.18
CA ARG B 15 3.09 18.58 6.85
C ARG B 15 3.13 19.47 5.61
N ILE B 16 2.38 19.08 4.57
CA ILE B 16 2.29 19.85 3.33
C ILE B 16 1.69 21.24 3.61
N GLU B 17 0.67 21.28 4.46
CA GLU B 17 0.03 22.52 4.89
C GLU B 17 1.03 23.46 5.59
N ALA B 18 1.92 22.88 6.39
CA ALA B 18 2.96 23.64 7.08
C ALA B 18 3.98 24.24 6.11
N VAL B 19 4.36 23.47 5.10
CA VAL B 19 5.27 23.95 4.05
C VAL B 19 4.67 25.13 3.29
N ILE B 20 3.38 25.01 2.96
CA ILE B 20 2.65 26.07 2.25
C ILE B 20 2.51 27.33 3.11
N ALA B 21 2.26 27.14 4.41
CA ALA B 21 2.19 28.25 5.36
C ALA B 21 3.52 29.01 5.43
N ARG B 22 4.62 28.27 5.36
CA ARG B 22 5.96 28.84 5.46
C ARG B 22 6.43 29.52 4.17
N SER B 23 6.19 28.89 3.02
CA SER B 23 6.78 29.36 1.76
C SER B 23 5.80 29.55 0.59
N GLY B 24 4.51 29.64 0.91
CA GLY B 24 3.48 29.90 -0.11
C GLY B 24 3.30 28.76 -1.10
N ASP B 25 3.20 29.11 -2.38
CA ASP B 25 2.99 28.11 -3.43
C ASP B 25 4.29 27.59 -4.05
N ARG B 26 5.42 27.85 -3.39
CA ARG B 26 6.73 27.47 -3.89
C ARG B 26 6.85 25.96 -4.11
N LEU B 27 6.37 25.17 -3.15
CA LEU B 27 6.37 23.71 -3.28
C LEU B 27 5.61 23.27 -4.52
N ALA B 28 4.42 23.84 -4.71
CA ALA B 28 3.60 23.52 -5.88
C ALA B 28 4.31 23.89 -7.19
N ARG B 29 4.97 25.06 -7.21
CA ARG B 29 5.75 25.50 -8.36
C ARG B 29 6.88 24.53 -8.69
N ARG B 30 7.50 23.97 -7.64
CA ARG B 30 8.62 23.06 -7.81
C ARG B 30 8.23 21.66 -8.29
N VAL B 31 7.18 21.07 -7.73
CA VAL B 31 6.88 19.65 -7.98
C VAL B 31 5.80 19.36 -9.03
N LEU B 32 4.99 20.35 -9.38
CA LEU B 32 3.91 20.13 -10.35
C LEU B 32 4.32 20.43 -11.79
N SER B 33 3.89 19.56 -12.70
CA SER B 33 3.99 19.80 -14.13
C SER B 33 3.02 20.90 -14.54
N ASP B 34 3.12 21.37 -15.78
CA ASP B 34 2.27 22.45 -16.28
C ASP B 34 0.77 22.13 -16.19
N ASN B 35 0.40 20.92 -16.59
CA ASN B 35 -0.99 20.49 -16.50
C ASN B 35 -1.48 20.39 -15.04
N GLU B 36 -0.62 19.89 -14.16
CA GLU B 36 -0.94 19.80 -12.74
C GLU B 36 -1.07 21.19 -12.11
N TRP B 37 -0.18 22.10 -12.52
CA TRP B 37 -0.22 23.48 -12.05
C TRP B 37 -1.53 24.16 -12.36
N ALA B 38 -2.03 23.94 -13.57
CA ALA B 38 -3.31 24.49 -13.99
C ALA B 38 -4.47 23.99 -13.13
N ILE B 39 -4.43 22.71 -12.76
CA ILE B 39 -5.44 22.12 -11.87
C ILE B 39 -5.34 22.73 -10.46
N TRP B 40 -4.12 22.84 -9.95
CA TRP B 40 -3.84 23.46 -8.64
C TRP B 40 -4.44 24.83 -8.50
N LYS B 41 -4.32 25.65 -9.54
CA LYS B 41 -4.80 27.04 -9.53
C LYS B 41 -6.30 27.20 -9.33
N THR B 42 -7.09 26.23 -9.79
CA THR B 42 -8.55 26.32 -9.70
C THR B 42 -9.19 25.27 -8.79
N HIS B 43 -8.37 24.43 -8.16
CA HIS B 43 -8.87 23.36 -7.30
C HIS B 43 -9.52 23.92 -6.05
N HIS B 44 -10.62 23.29 -5.63
CA HIS B 44 -11.31 23.70 -4.40
C HIS B 44 -10.54 23.35 -3.15
N GLN B 45 -9.69 22.33 -3.25
CA GLN B 45 -8.83 21.92 -2.15
C GLN B 45 -7.40 21.68 -2.63
N PRO B 46 -6.67 22.78 -2.94
CA PRO B 46 -5.36 22.69 -3.60
C PRO B 46 -4.28 21.96 -2.78
N VAL B 47 -4.27 22.17 -1.46
CA VAL B 47 -3.29 21.55 -0.59
C VAL B 47 -3.44 20.02 -0.60
N ARG B 48 -4.69 19.55 -0.56
CA ARG B 48 -4.98 18.12 -0.62
C ARG B 48 -4.63 17.54 -1.98
N PHE B 49 -4.93 18.28 -3.04
CA PHE B 49 -4.52 17.90 -4.39
C PHE B 49 -3.00 17.76 -4.45
N LEU B 50 -2.30 18.77 -3.93
CA LEU B 50 -0.83 18.75 -3.89
C LEU B 50 -0.29 17.57 -3.09
N ALA B 51 -0.86 17.30 -1.93
CA ALA B 51 -0.45 16.18 -1.07
C ALA B 51 -0.55 14.85 -1.82
N LYS B 52 -1.66 14.66 -2.51
CA LYS B 52 -1.91 13.44 -3.30
C LYS B 52 -0.93 13.31 -4.47
N ARG B 53 -0.65 14.41 -5.17
CA ARG B 53 0.28 14.36 -6.29
C ARG B 53 1.72 14.16 -5.82
N PHE B 54 2.07 14.79 -4.70
CA PHE B 54 3.37 14.60 -4.05
C PHE B 54 3.56 13.12 -3.72
N ALA B 55 2.52 12.51 -3.16
CA ALA B 55 2.51 11.08 -2.85
C ALA B 55 2.83 10.22 -4.08
N VAL B 56 2.12 10.46 -5.20
CA VAL B 56 2.36 9.69 -6.42
C VAL B 56 3.80 9.87 -6.94
N LYS B 57 4.25 11.12 -6.96
CA LYS B 57 5.59 11.47 -7.46
C LYS B 57 6.69 10.80 -6.64
N GLU B 58 6.52 10.80 -5.32
CA GLU B 58 7.45 10.14 -4.41
C GLU B 58 7.49 8.63 -4.67
N ALA B 59 6.31 8.04 -4.83
CA ALA B 59 6.17 6.61 -5.14
C ALA B 59 6.78 6.26 -6.51
N ALA B 60 6.52 7.11 -7.50
CA ALA B 60 7.09 6.94 -8.84
C ALA B 60 8.62 6.99 -8.82
N ALA B 61 9.17 7.96 -8.09
CA ALA B 61 10.62 8.10 -7.93
C ALA B 61 11.24 6.84 -7.34
N LYS B 62 10.57 6.26 -6.35
CA LYS B 62 11.02 5.01 -5.74
C LYS B 62 10.90 3.83 -6.71
N ALA B 63 9.83 3.83 -7.51
CA ALA B 63 9.62 2.77 -8.49
C ALA B 63 10.73 2.75 -9.55
N PHE B 64 11.21 3.93 -9.91
CA PHE B 64 12.31 4.06 -10.88
C PHE B 64 13.70 3.91 -10.23
N GLY B 65 13.75 3.94 -8.90
CA GLY B 65 14.99 3.70 -8.15
C GLY B 65 16.01 4.82 -8.26
N ALA B 73 13.61 14.83 -11.15
CA ALA B 73 12.75 15.85 -10.57
C ALA B 73 11.27 15.44 -10.58
N PHE B 74 10.57 15.84 -9.51
CA PHE B 74 9.15 15.50 -9.32
C PHE B 74 8.21 16.02 -10.42
N ASN B 75 8.54 17.16 -11.01
CA ASN B 75 7.69 17.74 -12.07
C ASN B 75 7.74 16.99 -13.40
N GLN B 76 8.62 15.99 -13.47
CA GLN B 76 8.73 15.13 -14.64
C GLN B 76 7.81 13.90 -14.53
N PHE B 77 7.27 13.68 -13.32
CA PHE B 77 6.28 12.62 -13.08
C PHE B 77 4.89 13.25 -13.01
N GLU B 78 4.24 13.38 -14.16
CA GLU B 78 2.93 14.02 -14.23
C GLU B 78 1.80 13.05 -13.96
N VAL B 79 0.93 13.42 -13.02
CA VAL B 79 -0.30 12.67 -12.77
C VAL B 79 -1.44 13.28 -13.55
N PHE B 80 -2.17 12.43 -14.28
CA PHE B 80 -3.43 12.80 -14.88
C PHE B 80 -4.46 11.71 -14.59
N ASN B 81 -5.73 12.01 -14.84
CA ASN B 81 -6.80 11.03 -14.65
C ASN B 81 -7.52 10.73 -15.95
N ASP B 82 -7.83 9.46 -16.18
CA ASP B 82 -8.55 9.06 -17.38
C ASP B 82 -10.05 9.39 -17.32
N GLU B 83 -10.81 8.90 -18.29
CA GLU B 83 -12.25 9.16 -18.41
C GLU B 83 -13.06 8.74 -17.18
N LEU B 84 -12.61 7.70 -16.49
CA LEU B 84 -13.33 7.12 -15.35
C LEU B 84 -12.80 7.62 -13.99
N GLY B 85 -11.75 8.43 -14.02
CA GLY B 85 -11.18 9.02 -12.81
C GLY B 85 -9.92 8.32 -12.32
N LYS B 86 -9.54 7.23 -12.98
CA LYS B 86 -8.36 6.45 -12.66
C LYS B 86 -7.07 7.26 -12.87
N PRO B 87 -6.21 7.35 -11.83
CA PRO B 87 -4.96 8.09 -11.96
C PRO B 87 -3.96 7.37 -12.87
N ARG B 88 -3.18 8.15 -13.60
CA ARG B 88 -2.21 7.64 -14.57
C ARG B 88 -0.94 8.50 -14.54
N LEU B 89 0.17 7.94 -15.03
CA LEU B 89 1.43 8.68 -15.12
C LEU B 89 1.81 9.07 -16.56
N ARG B 90 2.27 10.31 -16.69
CA ARG B 90 2.85 10.82 -17.92
C ARG B 90 4.25 11.32 -17.59
N LEU B 91 5.25 10.91 -18.37
CA LEU B 91 6.64 11.26 -18.07
C LEU B 91 7.20 12.34 -18.97
N TRP B 92 8.17 13.09 -18.44
CA TRP B 92 8.83 14.18 -19.15
C TRP B 92 10.31 14.14 -18.91
N GLY B 93 11.06 14.77 -19.82
CA GLY B 93 12.51 14.95 -19.66
C GLY B 93 13.27 13.69 -19.30
N GLU B 94 14.11 13.79 -18.27
CA GLU B 94 14.97 12.70 -17.83
C GLU B 94 14.20 11.44 -17.41
N ALA B 95 13.01 11.62 -16.84
CA ALA B 95 12.16 10.51 -16.44
C ALA B 95 11.73 9.68 -17.66
N LEU B 96 11.28 10.37 -18.72
CA LEU B 96 10.87 9.71 -19.95
C LEU B 96 12.03 8.95 -20.58
N LYS B 97 13.22 9.57 -20.56
CA LYS B 97 14.43 8.94 -21.09
C LYS B 97 14.79 7.67 -20.31
N LEU B 98 14.69 7.75 -18.98
CA LEU B 98 14.96 6.61 -18.12
C LEU B 98 14.01 5.45 -18.39
N ALA B 99 12.72 5.78 -18.58
CA ALA B 99 11.69 4.77 -18.85
C ALA B 99 11.98 3.99 -20.12
N GLU B 100 12.41 4.70 -21.17
CA GLU B 100 12.78 4.08 -22.44
C GLU B 100 14.00 3.17 -22.30
N LYS B 101 14.98 3.62 -21.52
CA LYS B 101 16.19 2.84 -21.26
C LYS B 101 15.89 1.54 -20.51
N LEU B 102 15.01 1.64 -19.50
CA LEU B 102 14.62 0.48 -18.69
C LEU B 102 13.69 -0.47 -19.44
N GLY B 103 13.03 0.04 -20.48
CA GLY B 103 12.07 -0.74 -21.25
C GLY B 103 10.69 -0.80 -20.60
N VAL B 104 10.32 0.29 -19.94
CA VAL B 104 8.99 0.40 -19.31
C VAL B 104 7.92 0.50 -20.39
N ALA B 105 6.94 -0.39 -20.33
CA ALA B 105 5.82 -0.40 -21.27
C ALA B 105 4.49 -0.06 -20.61
N ASN B 106 4.43 -0.29 -19.30
CA ASN B 106 3.21 -0.07 -18.53
C ASN B 106 3.54 0.55 -17.18
N MET B 107 2.72 1.53 -16.77
CA MET B 107 2.87 2.16 -15.46
C MET B 107 1.52 2.18 -14.76
N HIS B 108 1.48 1.63 -13.56
CA HIS B 108 0.24 1.52 -12.80
C HIS B 108 0.31 2.40 -11.58
N VAL B 109 -0.71 3.24 -11.43
CA VAL B 109 -0.76 4.20 -10.33
C VAL B 109 -2.06 4.01 -9.57
N THR B 110 -1.97 4.07 -8.24
CA THR B 110 -3.14 4.20 -7.40
C THR B 110 -2.85 5.19 -6.28
N LEU B 111 -3.89 5.87 -5.83
CA LEU B 111 -3.76 6.74 -4.68
C LEU B 111 -5.02 6.69 -3.82
N ALA B 112 -4.85 7.01 -2.55
CA ALA B 112 -5.94 7.04 -1.59
C ALA B 112 -5.65 8.11 -0.57
N ASP B 113 -6.70 8.56 0.10
CA ASP B 113 -6.53 9.51 1.18
C ASP B 113 -7.61 9.33 2.23
N GLU B 114 -7.32 9.81 3.42
CA GLU B 114 -8.34 10.00 4.44
C GLU B 114 -8.08 11.40 5.00
N ARG B 115 -8.71 11.76 6.12
CA ARG B 115 -8.61 13.14 6.58
C ARG B 115 -7.16 13.63 6.79
N HIS B 116 -6.30 12.79 7.36
CA HIS B 116 -4.94 13.22 7.70
C HIS B 116 -3.84 12.76 6.77
N TYR B 117 -4.07 11.68 6.02
CA TYR B 117 -3.02 11.08 5.18
C TYR B 117 -3.42 10.82 3.74
N ALA B 118 -2.47 11.04 2.83
CA ALA B 118 -2.57 10.57 1.46
C ALA B 118 -1.54 9.47 1.24
N CYS B 119 -1.91 8.44 0.48
CA CYS B 119 -1.02 7.31 0.17
CA CYS B 119 -0.95 7.40 0.15
C CYS B 119 -1.03 7.03 -1.32
N ALA B 120 0.08 6.50 -1.84
CA ALA B 120 0.15 6.11 -3.24
C ALA B 120 1.06 4.92 -3.44
N THR B 121 0.74 4.11 -4.45
CA THR B 121 1.59 3.01 -4.86
C THR B 121 1.74 3.06 -6.37
N VAL B 122 2.96 2.83 -6.85
CA VAL B 122 3.27 2.84 -8.27
C VAL B 122 4.01 1.55 -8.64
N ILE B 123 3.56 0.91 -9.72
CA ILE B 123 4.27 -0.25 -10.26
C ILE B 123 4.62 0.04 -11.72
N ILE B 124 5.90 -0.09 -12.06
CA ILE B 124 6.32 -0.01 -13.46
C ILE B 124 6.62 -1.42 -13.98
N GLU B 125 6.36 -1.63 -15.27
CA GLU B 125 6.28 -2.96 -15.84
C GLU B 125 6.73 -2.96 -17.29
N SER B 126 7.42 -4.03 -17.70
CA SER B 126 7.81 -4.21 -19.09
C SER B 126 6.63 -4.72 -19.93
N ALA C 2 0.19 -10.35 -17.09
CA ALA C 2 0.29 -8.86 -17.11
C ALA C 2 -0.63 -8.23 -16.08
N ILE C 3 -0.19 -7.12 -15.50
CA ILE C 3 -0.99 -6.39 -14.53
C ILE C 3 -2.13 -5.64 -15.24
N LEU C 4 -3.36 -5.90 -14.80
CA LEU C 4 -4.53 -5.29 -15.43
C LEU C 4 -5.05 -4.10 -14.63
N GLY C 5 -4.60 -3.97 -13.38
CA GLY C 5 -5.02 -2.88 -12.54
C GLY C 5 -4.47 -2.96 -11.13
N LEU C 6 -4.54 -1.82 -10.44
CA LEU C 6 -3.94 -1.66 -9.11
C LEU C 6 -4.80 -0.70 -8.33
N GLY C 7 -5.07 -1.03 -7.06
CA GLY C 7 -5.87 -0.18 -6.21
C GLY C 7 -5.37 -0.20 -4.78
N THR C 8 -5.52 0.93 -4.09
CA THR C 8 -5.18 1.03 -2.68
C THR C 8 -6.24 1.83 -1.93
N ALA C 9 -6.32 1.62 -0.62
CA ALA C 9 -7.29 2.31 0.22
C ALA C 9 -6.73 2.46 1.62
N ILE C 10 -7.10 3.55 2.27
CA ILE C 10 -6.82 3.74 3.68
C ILE C 10 -8.13 4.18 4.36
N VAL C 11 -8.47 3.52 5.45
CA VAL C 11 -9.74 3.75 6.13
C VAL C 11 -9.48 4.13 7.58
N GLU C 12 -10.01 5.28 7.99
CA GLU C 12 -9.96 5.70 9.38
C GLU C 12 -10.98 4.85 10.16
N ILE C 13 -10.49 4.03 11.08
CA ILE C 13 -11.36 3.14 11.86
C ILE C 13 -12.39 3.92 12.69
N ALA C 14 -11.97 5.07 13.24
CA ALA C 14 -12.87 5.96 13.97
C ALA C 14 -14.03 6.51 13.14
N ARG C 15 -13.82 6.66 11.83
CA ARG C 15 -14.88 7.09 10.91
CA ARG C 15 -14.90 7.10 10.94
C ARG C 15 -15.96 6.01 10.78
N ILE C 16 -15.51 4.77 10.58
CA ILE C 16 -16.41 3.62 10.51
C ILE C 16 -17.22 3.50 11.79
N GLU C 17 -16.53 3.70 12.92
CA GLU C 17 -17.13 3.70 14.26
C GLU C 17 -18.23 4.74 14.38
N ALA C 18 -17.98 5.94 13.84
CA ALA C 18 -18.95 7.03 13.86
C ALA C 18 -20.18 6.73 13.00
N VAL C 19 -19.97 6.09 11.85
CA VAL C 19 -21.08 5.69 10.97
C VAL C 19 -21.96 4.66 11.68
N ILE C 20 -21.33 3.70 12.35
CA ILE C 20 -22.06 2.70 13.14
C ILE C 20 -22.88 3.35 14.25
N ALA C 21 -22.33 4.38 14.89
CA ALA C 21 -23.08 5.13 15.90
C ALA C 21 -24.30 5.80 15.28
N ARG C 22 -24.15 6.28 14.05
CA ARG C 22 -25.21 7.00 13.36
C ARG C 22 -26.34 6.08 12.90
N SER C 23 -26.00 4.92 12.34
CA SER C 23 -26.99 4.10 11.66
C SER C 23 -26.94 2.61 11.99
N GLY C 24 -26.29 2.24 13.09
CA GLY C 24 -26.23 0.85 13.51
C GLY C 24 -25.60 -0.04 12.47
N ASP C 25 -26.26 -1.14 12.12
CA ASP C 25 -25.70 -2.10 11.19
C ASP C 25 -25.95 -1.77 9.71
N ARG C 26 -26.46 -0.58 9.42
CA ARG C 26 -26.83 -0.23 8.04
C ARG C 26 -25.64 -0.19 7.07
N LEU C 27 -24.50 0.33 7.52
CA LEU C 27 -23.29 0.30 6.67
C LEU C 27 -22.89 -1.14 6.34
N ALA C 28 -22.89 -2.01 7.35
CA ALA C 28 -22.60 -3.44 7.16
C ALA C 28 -23.59 -4.10 6.20
N ARG C 29 -24.88 -3.81 6.36
CA ARG C 29 -25.91 -4.32 5.46
C ARG C 29 -25.66 -3.87 4.02
N ARG C 30 -25.16 -2.65 3.87
CA ARG C 30 -24.91 -2.06 2.57
C ARG C 30 -23.70 -2.68 1.85
N VAL C 31 -22.55 -2.77 2.52
CA VAL C 31 -21.30 -3.09 1.83
C VAL C 31 -20.90 -4.58 1.88
N LEU C 32 -21.52 -5.35 2.77
CA LEU C 32 -21.13 -6.74 2.95
C LEU C 32 -21.96 -7.71 2.13
N SER C 33 -21.28 -8.67 1.50
CA SER C 33 -21.95 -9.81 0.87
C SER C 33 -22.61 -10.67 1.95
N ASP C 34 -23.41 -11.65 1.53
CA ASP C 34 -24.06 -12.54 2.49
C ASP C 34 -23.06 -13.29 3.37
N ASN C 35 -22.00 -13.83 2.75
CA ASN C 35 -20.95 -14.54 3.48
C ASN C 35 -20.23 -13.64 4.50
N GLU C 36 -19.91 -12.41 4.09
CA GLU C 36 -19.28 -11.44 4.98
C GLU C 36 -20.23 -11.01 6.11
N TRP C 37 -21.51 -10.87 5.77
CA TRP C 37 -22.53 -10.50 6.75
C TRP C 37 -22.62 -11.53 7.86
N ALA C 38 -22.58 -12.81 7.48
CA ALA C 38 -22.56 -13.90 8.46
C ALA C 38 -21.36 -13.79 9.41
N ILE C 39 -20.19 -13.43 8.85
CA ILE C 39 -18.97 -13.27 9.65
C ILE C 39 -19.10 -12.08 10.60
N TRP C 40 -19.56 -10.94 10.07
CA TRP C 40 -19.78 -9.73 10.86
C TRP C 40 -20.65 -9.96 12.07
N LYS C 41 -21.71 -10.75 11.89
CA LYS C 41 -22.68 -11.01 12.96
C LYS C 41 -22.07 -11.64 14.22
N THR C 42 -21.06 -12.48 14.05
CA THR C 42 -20.46 -13.17 15.21
C THR C 42 -18.97 -12.84 15.43
N HIS C 43 -18.47 -11.82 14.75
CA HIS C 43 -17.06 -11.41 14.83
C HIS C 43 -16.71 -10.85 16.19
N HIS C 44 -15.49 -11.10 16.64
CA HIS C 44 -15.01 -10.59 17.94
C HIS C 44 -14.84 -9.10 17.99
N GLN C 45 -14.46 -8.50 16.86
CA GLN C 45 -14.37 -7.03 16.75
C GLN C 45 -15.01 -6.52 15.45
N PRO C 46 -16.34 -6.43 15.43
CA PRO C 46 -17.12 -6.12 14.22
C PRO C 46 -16.71 -4.83 13.51
N VAL C 47 -16.40 -3.78 14.28
CA VAL C 47 -16.02 -2.49 13.68
C VAL C 47 -14.72 -2.63 12.88
N ARG C 48 -13.75 -3.34 13.45
CA ARG C 48 -12.45 -3.56 12.79
C ARG C 48 -12.58 -4.45 11.54
N PHE C 49 -13.39 -5.49 11.65
CA PHE C 49 -13.71 -6.34 10.50
C PHE C 49 -14.31 -5.52 9.36
N LEU C 50 -15.32 -4.72 9.69
CA LEU C 50 -15.99 -3.86 8.71
C LEU C 50 -15.03 -2.87 8.06
N ALA C 51 -14.20 -2.22 8.88
CA ALA C 51 -13.23 -1.24 8.38
C ALA C 51 -12.25 -1.88 7.38
N LYS C 52 -11.80 -3.10 7.70
CA LYS C 52 -10.89 -3.84 6.83
C LYS C 52 -11.56 -4.28 5.52
N ARG C 53 -12.78 -4.80 5.61
CA ARG C 53 -13.50 -5.21 4.40
C ARG C 53 -13.82 -4.02 3.51
N PHE C 54 -14.19 -2.89 4.12
CA PHE C 54 -14.41 -1.63 3.39
C PHE C 54 -13.15 -1.23 2.61
N ALA C 55 -12.00 -1.33 3.26
CA ALA C 55 -10.71 -1.02 2.62
C ALA C 55 -10.43 -1.90 1.39
N VAL C 56 -10.64 -3.21 1.50
CA VAL C 56 -10.40 -4.11 0.37
C VAL C 56 -11.33 -3.80 -0.79
N LYS C 57 -12.60 -3.56 -0.47
CA LYS C 57 -13.63 -3.27 -1.47
C LYS C 57 -13.30 -2.00 -2.24
N GLU C 58 -12.89 -0.96 -1.52
CA GLU C 58 -12.47 0.29 -2.15
C GLU C 58 -11.24 0.10 -3.05
N ALA C 59 -10.25 -0.65 -2.55
CA ALA C 59 -9.04 -0.94 -3.32
C ALA C 59 -9.36 -1.79 -4.57
N ALA C 60 -10.29 -2.73 -4.43
CA ALA C 60 -10.70 -3.58 -5.54
C ALA C 60 -11.36 -2.78 -6.65
N ALA C 61 -12.29 -1.90 -6.27
CA ALA C 61 -13.00 -1.02 -7.22
C ALA C 61 -12.02 -0.16 -8.00
N LYS C 62 -10.97 0.31 -7.33
CA LYS C 62 -9.90 1.08 -7.97
C LYS C 62 -9.06 0.20 -8.89
N ALA C 63 -8.78 -1.03 -8.46
CA ALA C 63 -7.99 -1.98 -9.25
C ALA C 63 -8.68 -2.35 -10.57
N PHE C 64 -10.00 -2.39 -10.57
CA PHE C 64 -10.77 -2.63 -11.79
C PHE C 64 -10.83 -1.41 -12.70
N GLY C 65 -10.30 -0.29 -12.21
CA GLY C 65 -10.14 0.93 -13.00
C GLY C 65 -11.42 1.70 -13.24
N THR C 66 -12.48 1.30 -12.54
CA THR C 66 -13.81 1.85 -12.79
C THR C 66 -14.35 2.61 -11.59
N GLY C 67 -13.88 2.25 -10.40
CA GLY C 67 -14.56 2.64 -9.17
C GLY C 67 -15.95 2.01 -9.17
N ILE C 68 -16.87 2.59 -8.42
CA ILE C 68 -18.24 2.08 -8.39
C ILE C 68 -19.11 2.81 -9.43
N ARG C 69 -19.49 2.06 -10.47
CA ARG C 69 -20.29 2.58 -11.59
C ARG C 69 -20.90 1.42 -12.37
N ASN C 70 -21.77 1.75 -13.33
CA ASN C 70 -22.34 0.77 -14.26
C ASN C 70 -22.88 -0.51 -13.59
N GLY C 71 -23.54 -0.33 -12.45
CA GLY C 71 -24.15 -1.45 -11.73
C GLY C 71 -23.22 -2.17 -10.76
N LEU C 72 -22.00 -1.68 -10.60
CA LEU C 72 -21.09 -2.24 -9.59
C LEU C 72 -21.50 -1.81 -8.19
N ALA C 73 -21.05 -2.58 -7.19
CA ALA C 73 -21.39 -2.31 -5.80
C ALA C 73 -20.39 -3.02 -4.87
N PHE C 74 -20.17 -2.43 -3.70
CA PHE C 74 -19.24 -2.98 -2.71
C PHE C 74 -19.57 -4.42 -2.31
N ASN C 75 -20.87 -4.76 -2.22
CA ASN C 75 -21.28 -6.10 -1.82
C ASN C 75 -21.01 -7.20 -2.86
N GLN C 76 -20.53 -6.80 -4.03
CA GLN C 76 -20.15 -7.72 -5.10
C GLN C 76 -18.67 -8.10 -5.02
N PHE C 77 -17.92 -7.40 -4.17
CA PHE C 77 -16.51 -7.68 -3.95
C PHE C 77 -16.34 -8.36 -2.58
N GLU C 78 -16.48 -9.68 -2.57
CA GLU C 78 -16.48 -10.42 -1.33
C GLU C 78 -15.06 -10.79 -0.92
N VAL C 79 -14.72 -10.44 0.32
CA VAL C 79 -13.44 -10.86 0.90
C VAL C 79 -13.63 -12.19 1.60
N PHE C 80 -12.72 -13.12 1.35
CA PHE C 80 -12.62 -14.33 2.17
C PHE C 80 -11.16 -14.60 2.51
N ASN C 81 -10.92 -15.50 3.43
CA ASN C 81 -9.55 -15.87 3.81
C ASN C 81 -9.31 -17.34 3.54
N ASP C 82 -8.16 -17.67 2.97
CA ASP C 82 -7.79 -19.08 2.78
C ASP C 82 -7.36 -19.72 4.10
N GLU C 83 -7.01 -21.01 4.05
CA GLU C 83 -6.67 -21.79 5.26
C GLU C 83 -5.51 -21.24 6.07
N LEU C 84 -4.64 -20.46 5.43
CA LEU C 84 -3.48 -19.88 6.09
C LEU C 84 -3.75 -18.46 6.62
N GLY C 85 -4.90 -17.90 6.26
CA GLY C 85 -5.30 -16.58 6.72
C GLY C 85 -5.17 -15.48 5.69
N LYS C 86 -4.61 -15.82 4.52
CA LYS C 86 -4.41 -14.87 3.44
C LYS C 86 -5.74 -14.37 2.86
N PRO C 87 -5.91 -13.03 2.71
CA PRO C 87 -7.16 -12.53 2.15
C PRO C 87 -7.27 -12.77 0.65
N ARG C 88 -8.49 -13.00 0.18
CA ARG C 88 -8.76 -13.28 -1.23
C ARG C 88 -10.06 -12.59 -1.64
N LEU C 89 -10.24 -12.40 -2.94
CA LEU C 89 -11.46 -11.82 -3.48
C LEU C 89 -12.33 -12.85 -4.19
N ARG C 90 -13.63 -12.73 -3.97
CA ARG C 90 -14.64 -13.52 -4.67
C ARG C 90 -15.64 -12.52 -5.25
N LEU C 91 -15.93 -12.65 -6.55
CA LEU C 91 -16.78 -11.66 -7.22
C LEU C 91 -18.20 -12.14 -7.51
N TRP C 92 -19.14 -11.20 -7.43
CA TRP C 92 -20.55 -11.48 -7.70
C TRP C 92 -21.10 -10.54 -8.73
N GLY C 93 -22.18 -10.97 -9.39
CA GLY C 93 -22.95 -10.13 -10.32
C GLY C 93 -22.13 -9.33 -11.32
N GLU C 94 -22.33 -8.02 -11.30
CA GLU C 94 -21.69 -7.12 -12.26
C GLU C 94 -20.16 -7.14 -12.18
N ALA C 95 -19.63 -7.25 -10.95
CA ALA C 95 -18.18 -7.31 -10.74
C ALA C 95 -17.58 -8.53 -11.42
N LEU C 96 -18.23 -9.67 -11.24
CA LEU C 96 -17.81 -10.92 -11.87
C LEU C 96 -17.82 -10.83 -13.41
N LYS C 97 -18.86 -10.22 -13.97
CA LYS C 97 -18.96 -10.03 -15.42
C LYS C 97 -17.84 -9.15 -15.95
N LEU C 98 -17.53 -8.07 -15.22
CA LEU C 98 -16.42 -7.19 -15.58
C LEU C 98 -15.07 -7.93 -15.57
N ALA C 99 -14.86 -8.75 -14.56
CA ALA C 99 -13.62 -9.54 -14.44
C ALA C 99 -13.44 -10.48 -15.63
N GLU C 100 -14.52 -11.15 -16.02
CA GLU C 100 -14.50 -12.05 -17.17
C GLU C 100 -14.22 -11.30 -18.46
N LYS C 101 -14.85 -10.13 -18.62
CA LYS C 101 -14.64 -9.29 -19.80
C LYS C 101 -13.18 -8.84 -19.90
N LEU C 102 -12.62 -8.42 -18.77
CA LEU C 102 -11.23 -7.94 -18.73
C LEU C 102 -10.19 -9.06 -18.86
N GLY C 103 -10.63 -10.30 -18.68
CA GLY C 103 -9.73 -11.45 -18.72
C GLY C 103 -8.88 -11.58 -17.47
N VAL C 104 -9.48 -11.29 -16.32
CA VAL C 104 -8.80 -11.40 -15.03
C VAL C 104 -8.56 -12.86 -14.67
N ALA C 105 -7.29 -13.20 -14.46
CA ALA C 105 -6.92 -14.57 -14.08
C ALA C 105 -6.60 -14.66 -12.59
N ASN C 106 -5.93 -13.65 -12.06
CA ASN C 106 -5.51 -13.65 -10.66
C ASN C 106 -5.83 -12.33 -9.97
N MET C 107 -6.28 -12.42 -8.73
CA MET C 107 -6.56 -11.24 -7.93
C MET C 107 -5.79 -11.33 -6.62
N HIS C 108 -4.87 -10.39 -6.44
CA HIS C 108 -3.99 -10.38 -5.28
C HIS C 108 -4.45 -9.35 -4.33
N VAL C 109 -4.68 -9.78 -3.08
CA VAL C 109 -5.22 -8.93 -2.04
C VAL C 109 -4.27 -8.94 -0.84
N THR C 110 -4.00 -7.78 -0.29
CA THR C 110 -3.37 -7.68 1.03
C THR C 110 -4.09 -6.66 1.91
N LEU C 111 -4.17 -6.98 3.19
CA LEU C 111 -4.79 -6.15 4.22
C LEU C 111 -3.79 -5.89 5.32
N ALA C 112 -3.84 -4.68 5.86
CA ALA C 112 -3.01 -4.32 7.00
C ALA C 112 -3.83 -3.43 7.90
N ASP C 113 -3.52 -3.44 9.19
CA ASP C 113 -4.16 -2.52 10.11
C ASP C 113 -3.25 -2.07 11.24
N GLU C 114 -3.56 -0.90 11.77
CA GLU C 114 -2.98 -0.41 12.99
C GLU C 114 -4.13 -0.02 13.88
N ARG C 115 -3.84 0.52 15.05
CA ARG C 115 -4.87 0.94 15.99
C ARG C 115 -5.91 1.84 15.29
N HIS C 116 -5.46 2.82 14.54
CA HIS C 116 -6.35 3.83 13.96
C HIS C 116 -6.73 3.65 12.51
N TYR C 117 -5.99 2.82 11.78
CA TYR C 117 -6.18 2.72 10.33
C TYR C 117 -6.19 1.28 9.81
N ALA C 118 -7.05 1.04 8.82
CA ALA C 118 -7.00 -0.17 8.01
C ALA C 118 -6.62 0.22 6.59
N CYS C 119 -5.70 -0.54 5.99
CA CYS C 119 -5.23 -0.29 4.63
CA CYS C 119 -5.31 -0.28 4.62
C CYS C 119 -5.32 -1.56 3.79
N ALA C 120 -5.50 -1.41 2.49
CA ALA C 120 -5.53 -2.55 1.58
C ALA C 120 -4.97 -2.17 0.22
N THR C 121 -4.35 -3.15 -0.42
CA THR C 121 -3.88 -3.02 -1.79
C THR C 121 -4.34 -4.25 -2.56
N VAL C 122 -4.83 -4.03 -3.78
CA VAL C 122 -5.32 -5.08 -4.67
C VAL C 122 -4.62 -4.96 -6.03
N ILE C 123 -4.13 -6.08 -6.54
CA ILE C 123 -3.62 -6.14 -7.92
C ILE C 123 -4.41 -7.20 -8.68
N ILE C 124 -4.91 -6.84 -9.86
CA ILE C 124 -5.55 -7.80 -10.75
C ILE C 124 -4.63 -8.08 -11.94
N GLU C 125 -4.64 -9.32 -12.41
CA GLU C 125 -3.61 -9.81 -13.30
C GLU C 125 -4.22 -10.76 -14.33
N SER C 126 -3.67 -10.77 -15.54
CA SER C 126 -4.07 -11.74 -16.57
C SER C 126 -3.31 -13.05 -16.41
#